data_3DXP
#
_entry.id   3DXP
#
_cell.length_a   62.088
_cell.length_b   127.522
_cell.length_c   51.509
_cell.angle_alpha   90.000
_cell.angle_beta   90.000
_cell.angle_gamma   90.000
#
_symmetry.space_group_name_H-M   'P 21 21 2'
#
loop_
_entity.id
_entity.type
_entity.pdbx_description
1 polymer 'putative acyl-CoA dehydrogenase'
2 non-polymer 'CALCIUM ION'
3 non-polymer 'ACETATE ION'
4 non-polymer 1,2-ETHANEDIOL
5 water water
#
_entity_poly.entity_id   1
_entity_poly.type   'polypeptide(L)'
_entity_poly.pdbx_seq_one_letter_code
;G(MSE)SSNVSHFEGTRPVADQQRFDTEALEAW(MSE)RQHVEGFAGPLSVEQFKGGQSNPTFKLVTPGQTYV(MSE)RA
KPGPKSKLLPSAHAIEREYRV(MSE)DALAGTDVPVAK(MSE)YALCEDESVIGRAFYI(MSE)EFVSGRVLWDQSLPG
(MSE)SPAERTAIYDE(MSE)NRVIAA(MSE)HTVDYQAIGLGDYGKPGNYFQRQIERWTKQYKLSETESIPA(MSE)DS
L(MSE)DWLPQHIPQEDADLTSIVHGDYRLDNL(MSE)FHPTEPRVLAVLDWELSTLGHP(MSE)GDFGYHC(MSE)SWH
IAPGQFRGIAGLDHAALGIPDEASYRKLYEQRTGRPITGDWNFYLAFS(MSE)FRIAGILQGI(MSE)KRVVDGTASSAQ
ALDAGKRARP(MSE)AE(MSE)GWEYAKKAKQ
;
_entity_poly.pdbx_strand_id   A
#
# COMPACT_ATOMS: atom_id res chain seq x y z
N ARG A 20 -20.49 17.73 -9.68
CA ARG A 20 -21.73 18.52 -9.92
C ARG A 20 -22.97 17.62 -9.82
N PHE A 21 -23.46 17.40 -8.60
CA PHE A 21 -24.63 16.52 -8.36
C PHE A 21 -25.68 17.06 -7.36
N ASP A 22 -26.78 16.32 -7.22
CA ASP A 22 -27.91 16.66 -6.32
C ASP A 22 -27.60 16.29 -4.87
N THR A 23 -27.31 17.28 -4.04
CA THR A 23 -26.94 17.04 -2.64
C THR A 23 -28.15 16.73 -1.75
N GLU A 24 -29.35 16.99 -2.23
CA GLU A 24 -30.54 16.69 -1.45
C GLU A 24 -30.88 15.20 -1.55
N ALA A 25 -30.65 14.63 -2.72
CA ALA A 25 -30.88 13.20 -2.96
C ALA A 25 -29.94 12.40 -2.06
N LEU A 26 -28.73 12.92 -1.85
CA LEU A 26 -27.74 12.28 -0.99
C LEU A 26 -28.15 12.42 0.46
N GLU A 27 -28.59 13.60 0.87
CA GLU A 27 -29.01 13.79 2.26
C GLU A 27 -30.14 12.84 2.65
N ALA A 28 -31.03 12.55 1.71
CA ALA A 28 -32.15 11.63 1.93
C ALA A 28 -31.63 10.21 2.12
N TRP A 29 -30.74 9.82 1.23
CA TRP A 29 -30.11 8.50 1.28
C TRP A 29 -29.32 8.33 2.59
N ARG A 31 -29.74 9.67 5.47
CA ARG A 31 -30.59 9.53 6.66
C ARG A 31 -30.91 8.07 6.93
N GLN A 32 -31.21 7.33 5.86
CA GLN A 32 -31.53 5.89 5.97
C GLN A 32 -30.32 4.96 6.07
N HIS A 33 -29.19 5.34 5.44
CA HIS A 33 -28.01 4.46 5.34
C HIS A 33 -26.75 4.76 6.16
N VAL A 34 -26.70 5.93 6.80
CA VAL A 34 -25.54 6.34 7.60
C VAL A 34 -25.95 6.48 9.08
N GLU A 35 -25.46 5.57 9.91
CA GLU A 35 -25.76 5.62 11.35
C GLU A 35 -25.52 7.00 11.94
N GLY A 36 -26.51 7.51 12.66
CA GLY A 36 -26.38 8.78 13.36
C GLY A 36 -26.46 10.05 12.53
N PHE A 37 -26.66 9.92 11.22
CA PHE A 37 -26.69 11.07 10.34
C PHE A 37 -27.80 12.07 10.66
N ALA A 38 -27.51 13.35 10.43
CA ALA A 38 -28.46 14.45 10.65
C ALA A 38 -27.92 15.72 10.02
N GLY A 39 -28.59 16.22 8.99
CA GLY A 39 -28.18 17.44 8.31
C GLY A 39 -28.31 18.74 9.11
N PRO A 40 -28.24 19.89 8.43
CA PRO A 40 -28.05 20.01 6.98
C PRO A 40 -26.67 19.55 6.54
N LEU A 41 -26.55 19.34 5.23
CA LEU A 41 -25.35 18.80 4.63
C LEU A 41 -24.68 19.78 3.70
N SER A 42 -23.35 19.86 3.79
CA SER A 42 -22.56 20.72 2.90
C SER A 42 -21.41 19.91 2.28
N VAL A 43 -21.41 19.79 0.96
CA VAL A 43 -20.40 19.04 0.23
C VAL A 43 -19.28 19.93 -0.29
N GLU A 44 -18.05 19.51 -0.09
CA GLU A 44 -16.88 20.22 -0.59
C GLU A 44 -16.07 19.14 -1.28
N GLN A 45 -15.08 19.51 -2.07
CA GLN A 45 -14.23 18.51 -2.74
C GLN A 45 -12.76 18.63 -2.29
N PHE A 46 -12.00 17.56 -2.47
CA PHE A 46 -10.58 17.56 -2.14
C PHE A 46 -9.74 17.74 -3.41
N LYS A 47 -8.65 18.49 -3.28
CA LYS A 47 -7.75 18.77 -4.41
C LYS A 47 -6.85 17.55 -4.65
N GLY A 48 -6.74 17.12 -5.91
CA GLY A 48 -5.89 15.97 -6.26
C GLY A 48 -6.22 15.39 -7.62
N GLN A 50 -7.24 11.73 -6.73
CA GLN A 50 -7.10 10.49 -5.97
C GLN A 50 -7.74 9.32 -6.73
N SER A 51 -7.38 9.17 -8.01
CA SER A 51 -7.94 8.15 -8.91
C SER A 51 -9.42 8.44 -9.13
N ASN A 52 -10.20 8.16 -8.08
CA ASN A 52 -11.63 8.41 -8.07
C ASN A 52 -11.93 9.58 -7.11
N PRO A 53 -12.80 10.52 -7.52
CA PRO A 53 -13.15 11.73 -6.76
C PRO A 53 -13.35 11.51 -5.27
N THR A 54 -12.97 12.51 -4.47
CA THR A 54 -13.13 12.44 -3.02
C THR A 54 -13.70 13.75 -2.51
N PHE A 55 -14.75 13.66 -1.69
CA PHE A 55 -15.47 14.83 -1.16
C PHE A 55 -15.49 14.86 0.35
N LYS A 56 -15.69 16.05 0.89
CA LYS A 56 -15.81 16.25 2.32
C LYS A 56 -17.27 16.62 2.61
N LEU A 57 -17.98 15.73 3.31
CA LEU A 57 -19.38 15.95 3.65
C LEU A 57 -19.45 16.50 5.05
N VAL A 58 -19.96 17.73 5.16
CA VAL A 58 -20.03 18.43 6.43
C VAL A 58 -21.46 18.58 6.96
N THR A 59 -21.64 18.18 8.22
CA THR A 59 -22.90 18.36 8.94
C THR A 59 -22.49 18.87 10.32
N PRO A 60 -23.44 19.46 11.07
CA PRO A 60 -23.13 19.96 12.40
C PRO A 60 -22.68 18.87 13.37
N GLY A 61 -23.34 17.71 13.30
CA GLY A 61 -23.03 16.56 14.17
C GLY A 61 -21.68 15.94 13.90
N GLN A 62 -21.28 15.90 12.62
CA GLN A 62 -19.94 15.44 12.24
C GLN A 62 -19.64 15.53 10.74
N THR A 63 -18.39 15.20 10.39
CA THR A 63 -17.90 15.28 9.03
C THR A 63 -17.49 13.90 8.55
N TYR A 64 -17.83 13.63 7.30
CA TYR A 64 -17.55 12.35 6.68
C TYR A 64 -16.71 12.61 5.44
N VAL A 65 -16.32 11.54 4.78
CA VAL A 65 -15.57 11.58 3.55
C VAL A 65 -16.31 10.68 2.58
N ARG A 67 -16.25 8.83 -1.17
CA ARG A 67 -15.40 8.41 -2.28
C ARG A 67 -16.29 7.98 -3.40
N ALA A 68 -16.39 8.80 -4.43
CA ALA A 68 -17.22 8.48 -5.59
C ALA A 68 -16.33 7.94 -6.71
N LYS A 69 -16.82 8.00 -7.94
CA LYS A 69 -16.08 7.57 -9.13
C LYS A 69 -16.67 8.35 -10.32
N PRO A 70 -15.96 8.37 -11.48
CA PRO A 70 -16.52 9.06 -12.65
C PRO A 70 -18.03 8.77 -12.93
N GLY A 71 -18.36 7.49 -13.11
CA GLY A 71 -19.75 7.08 -13.39
C GLY A 71 -19.94 5.57 -13.31
N ALA A 82 -12.57 -0.19 -8.75
CA ALA A 82 -12.93 -1.23 -7.77
C ALA A 82 -13.05 -0.65 -6.36
N ILE A 83 -13.80 0.46 -6.30
CA ILE A 83 -14.08 1.23 -5.08
C ILE A 83 -14.61 0.35 -3.94
N GLU A 84 -15.39 -0.65 -4.31
CA GLU A 84 -16.02 -1.58 -3.37
C GLU A 84 -15.11 -2.50 -2.57
N ARG A 85 -13.88 -2.73 -3.04
CA ARG A 85 -12.93 -3.61 -2.33
C ARG A 85 -12.30 -2.86 -1.16
N GLU A 86 -11.99 -1.59 -1.40
CA GLU A 86 -11.45 -0.75 -0.37
C GLU A 86 -12.42 -0.79 0.82
N TYR A 87 -13.68 -0.47 0.54
CA TYR A 87 -14.74 -0.46 1.53
C TYR A 87 -14.82 -1.79 2.25
N ARG A 88 -14.77 -2.87 1.49
CA ARG A 88 -14.92 -4.20 2.03
C ARG A 88 -13.83 -4.60 3.03
N VAL A 89 -12.57 -4.35 2.67
CA VAL A 89 -11.41 -4.73 3.50
C VAL A 89 -11.28 -3.85 4.73
N ASP A 91 -13.75 -2.18 6.07
CA ASP A 91 -14.89 -2.53 6.94
C ASP A 91 -14.61 -3.80 7.76
N ALA A 92 -14.08 -4.84 7.12
CA ALA A 92 -13.81 -6.12 7.79
C ALA A 92 -12.75 -5.97 8.88
N LEU A 93 -11.81 -5.06 8.67
CA LEU A 93 -10.73 -4.82 9.63
C LEU A 93 -11.08 -4.05 10.89
N ALA A 94 -12.24 -3.39 10.91
CA ALA A 94 -12.70 -2.70 12.14
C ALA A 94 -12.71 -3.74 13.24
N GLY A 95 -12.25 -3.40 14.44
CA GLY A 95 -12.21 -4.38 15.51
C GLY A 95 -10.93 -5.23 15.58
N THR A 96 -10.08 -5.13 14.56
CA THR A 96 -8.78 -5.82 14.59
C THR A 96 -7.75 -4.81 15.10
N ASP A 97 -6.47 -5.19 15.10
CA ASP A 97 -5.39 -4.28 15.52
C ASP A 97 -4.84 -3.41 14.40
N VAL A 98 -5.35 -3.59 13.20
CA VAL A 98 -4.95 -2.78 12.07
C VAL A 98 -5.85 -1.57 12.18
N PRO A 99 -5.29 -0.41 12.60
CA PRO A 99 -6.14 0.75 12.76
C PRO A 99 -6.60 1.21 11.37
N VAL A 100 -7.89 1.51 11.21
CA VAL A 100 -8.54 1.91 9.92
C VAL A 100 -9.73 2.87 10.17
N ALA A 101 -10.07 3.67 9.15
CA ALA A 101 -11.21 4.59 9.24
C ALA A 101 -12.47 3.76 9.34
N LYS A 102 -13.47 4.28 10.05
CA LYS A 102 -14.75 3.58 10.22
C LYS A 102 -15.59 3.77 8.97
N TYR A 104 -19.27 3.70 7.01
CA TYR A 104 -20.67 4.00 7.31
C TYR A 104 -21.65 3.37 6.31
N ALA A 105 -21.33 3.46 5.03
CA ALA A 105 -22.23 2.92 4.01
C ALA A 105 -21.61 2.89 2.62
N LEU A 106 -21.92 1.84 1.86
CA LEU A 106 -21.51 1.68 0.45
C LEU A 106 -22.73 1.77 -0.45
N CYS A 107 -22.61 2.53 -1.52
CA CYS A 107 -23.73 2.74 -2.43
C CYS A 107 -23.37 2.36 -3.86
N GLU A 108 -23.87 1.21 -4.30
CA GLU A 108 -23.64 0.74 -5.67
C GLU A 108 -24.79 1.14 -6.61
N ASP A 109 -25.88 1.62 -6.00
CA ASP A 109 -27.07 2.06 -6.74
C ASP A 109 -26.79 3.43 -7.35
N GLU A 110 -26.39 3.43 -8.62
CA GLU A 110 -26.03 4.67 -9.32
C GLU A 110 -27.20 5.64 -9.53
N SER A 111 -28.40 5.24 -9.10
CA SER A 111 -29.59 6.07 -9.17
C SER A 111 -29.53 7.29 -8.23
N VAL A 112 -29.06 7.07 -7.01
CA VAL A 112 -29.04 8.10 -5.96
C VAL A 112 -28.25 9.38 -6.31
N ILE A 113 -27.13 9.22 -6.98
CA ILE A 113 -26.23 10.34 -7.25
C ILE A 113 -25.59 10.34 -8.66
N GLY A 114 -25.83 9.30 -9.44
CA GLY A 114 -25.27 9.19 -10.79
C GLY A 114 -23.95 8.43 -10.86
N ARG A 115 -23.51 7.88 -9.72
CA ARG A 115 -22.23 7.16 -9.61
C ARG A 115 -22.15 6.37 -8.30
N ALA A 116 -21.35 5.31 -8.29
CA ALA A 116 -21.17 4.49 -7.07
C ALA A 116 -20.27 5.21 -6.06
N PHE A 117 -20.52 5.01 -4.77
CA PHE A 117 -19.70 5.66 -3.73
C PHE A 117 -19.80 4.99 -2.36
N TYR A 118 -19.00 5.48 -1.40
CA TYR A 118 -19.14 5.03 -0.01
C TYR A 118 -18.83 6.19 0.93
N ILE A 119 -19.23 6.04 2.20
CA ILE A 119 -19.06 7.07 3.21
C ILE A 119 -18.21 6.52 4.34
N GLU A 121 -15.54 7.72 7.88
CA GLU A 121 -15.18 8.65 8.92
C GLU A 121 -14.18 9.62 8.31
N PHE A 122 -14.15 10.84 8.83
CA PHE A 122 -13.15 11.83 8.43
C PHE A 122 -12.15 11.77 9.57
N VAL A 123 -10.99 11.16 9.32
CA VAL A 123 -9.93 11.07 10.32
C VAL A 123 -9.01 12.24 10.05
N SER A 124 -8.49 12.83 11.13
N SER A 124 -8.50 12.85 11.12
CA SER A 124 -7.59 13.97 11.04
CA SER A 124 -7.57 13.97 10.99
C SER A 124 -6.28 13.61 11.73
C SER A 124 -6.29 13.64 11.74
N GLY A 125 -5.17 13.85 11.06
CA GLY A 125 -3.84 13.53 11.60
C GLY A 125 -2.71 13.86 10.63
N ARG A 126 -1.56 13.18 10.78
CA ARG A 126 -0.37 13.45 9.95
C ARG A 126 -0.06 12.36 8.96
N VAL A 127 0.20 12.76 7.71
CA VAL A 127 0.71 11.87 6.69
C VAL A 127 2.17 12.31 6.48
N LEU A 128 3.11 11.49 6.97
CA LEU A 128 4.56 11.76 6.86
C LEU A 128 5.08 11.22 5.53
N TRP A 129 5.91 11.99 4.83
CA TRP A 129 6.39 11.57 3.50
C TRP A 129 7.84 11.09 3.48
N ASP A 130 8.72 11.85 4.11
CA ASP A 130 10.14 11.54 4.13
C ASP A 130 10.40 10.45 5.14
N GLN A 131 10.90 9.29 4.68
CA GLN A 131 11.20 8.15 5.57
C GLN A 131 12.30 8.36 6.62
N SER A 132 13.12 9.41 6.46
CA SER A 132 14.19 9.73 7.42
C SER A 132 13.66 10.53 8.60
N LEU A 133 12.42 11.01 8.47
CA LEU A 133 11.70 11.69 9.55
C LEU A 133 12.46 12.91 10.08
N PRO A 134 12.66 13.91 9.22
CA PRO A 134 13.31 15.13 9.65
C PRO A 134 12.48 15.82 10.73
N GLY A 135 13.09 16.68 11.52
CA GLY A 135 12.35 17.34 12.57
C GLY A 135 12.11 16.52 13.83
N SER A 137 13.38 13.76 17.15
CA SER A 137 14.44 13.27 17.98
C SER A 137 14.62 11.80 17.61
N PRO A 138 15.76 11.18 17.98
CA PRO A 138 15.93 9.75 17.74
C PRO A 138 14.84 8.89 18.38
N ALA A 139 14.49 9.17 19.63
CA ALA A 139 13.45 8.42 20.34
C ALA A 139 12.13 8.43 19.58
N GLU A 140 11.82 9.58 18.97
CA GLU A 140 10.61 9.72 18.15
C GLU A 140 10.68 8.88 16.90
N ARG A 141 11.83 8.87 16.24
CA ARG A 141 12.01 8.06 15.04
C ARG A 141 11.87 6.58 15.36
N THR A 142 12.42 6.17 16.50
CA THR A 142 12.31 4.81 16.96
C THR A 142 10.83 4.46 17.06
N ALA A 143 10.05 5.32 17.71
CA ALA A 143 8.58 5.12 17.89
C ALA A 143 7.78 5.07 16.57
N ILE A 144 8.06 6.01 15.67
CA ILE A 144 7.36 5.98 14.36
C ILE A 144 7.61 4.65 13.69
N TYR A 145 8.87 4.23 13.60
CA TYR A 145 9.24 2.94 13.01
C TYR A 145 8.67 1.74 13.77
N ASP A 146 8.66 1.80 15.08
CA ASP A 146 8.16 0.70 15.87
C ASP A 146 6.65 0.51 15.66
N GLU A 147 5.90 1.59 15.70
CA GLU A 147 4.46 1.51 15.41
C GLU A 147 4.18 0.98 13.99
N ASN A 149 5.94 -0.95 12.25
CA ASN A 149 6.24 -2.36 12.31
C ASN A 149 5.01 -3.09 12.83
N ARG A 150 4.53 -2.65 13.99
CA ARG A 150 3.38 -3.25 14.69
C ARG A 150 2.15 -3.42 13.81
N VAL A 151 1.91 -2.48 12.92
CA VAL A 151 0.71 -2.48 12.06
C VAL A 151 0.82 -3.54 10.95
N ILE A 152 2.00 -3.68 10.36
CA ILE A 152 2.25 -4.69 9.32
C ILE A 152 2.19 -6.08 9.97
N ALA A 153 2.84 -6.27 11.12
CA ALA A 153 2.76 -7.55 11.83
C ALA A 153 1.30 -7.91 12.08
N ALA A 154 0.55 -6.94 12.61
CA ALA A 154 -0.87 -7.09 12.91
C ALA A 154 -1.67 -7.47 11.67
N HIS A 156 -0.68 -8.83 8.87
CA HIS A 156 -0.29 -10.16 8.42
C HIS A 156 -0.67 -11.34 9.36
N THR A 157 -1.04 -11.04 10.62
CA THR A 157 -1.48 -12.04 11.60
CA THR A 157 -1.49 -12.06 11.57
C THR A 157 -3.03 -12.08 11.72
N VAL A 158 -3.74 -11.23 10.96
CA VAL A 158 -5.22 -11.17 11.01
C VAL A 158 -5.75 -12.48 10.45
N ASP A 159 -6.88 -12.94 10.99
CA ASP A 159 -7.54 -14.18 10.54
C ASP A 159 -8.54 -13.74 9.49
N TYR A 160 -8.06 -13.47 8.29
CA TYR A 160 -8.88 -12.96 7.20
C TYR A 160 -10.18 -13.72 6.93
N GLN A 161 -10.21 -15.03 7.20
CA GLN A 161 -11.42 -15.83 6.98
C GLN A 161 -12.47 -15.58 8.03
N ALA A 162 -12.06 -15.38 9.27
CA ALA A 162 -13.00 -15.13 10.36
C ALA A 162 -13.71 -13.80 10.23
N ILE A 163 -13.13 -12.87 9.46
CA ILE A 163 -13.69 -11.54 9.25
C ILE A 163 -14.38 -11.46 7.87
N GLY A 164 -14.51 -12.61 7.23
CA GLY A 164 -15.26 -12.72 5.98
C GLY A 164 -14.58 -12.35 4.69
N LEU A 165 -13.25 -12.35 4.68
CA LEU A 165 -12.48 -12.01 3.47
C LEU A 165 -11.91 -13.27 2.76
N GLY A 166 -12.37 -14.45 3.15
CA GLY A 166 -11.92 -15.71 2.58
C GLY A 166 -11.78 -15.76 1.07
N ASP A 167 -12.63 -15.03 0.36
CA ASP A 167 -12.58 -15.02 -1.09
C ASP A 167 -12.23 -13.64 -1.59
N TYR A 168 -11.49 -12.87 -0.79
CA TYR A 168 -11.10 -11.51 -1.16
C TYR A 168 -10.05 -11.53 -2.28
N GLY A 169 -9.31 -12.64 -2.39
CA GLY A 169 -8.34 -12.85 -3.45
C GLY A 169 -8.02 -14.33 -3.57
N LYS A 170 -7.15 -14.70 -4.51
CA LYS A 170 -6.75 -16.10 -4.72
C LYS A 170 -5.48 -16.42 -3.93
N PRO A 171 -5.60 -17.21 -2.85
CA PRO A 171 -4.42 -17.57 -2.07
C PRO A 171 -3.56 -18.70 -2.70
N GLY A 172 -2.35 -18.89 -2.18
CA GLY A 172 -1.41 -19.90 -2.68
C GLY A 172 -0.84 -19.55 -4.04
N ASN A 173 0.41 -19.96 -4.28
CA ASN A 173 1.08 -19.78 -5.58
C ASN A 173 1.28 -18.28 -5.93
N TYR A 174 1.55 -17.49 -4.88
CA TYR A 174 1.64 -16.03 -5.00
C TYR A 174 2.76 -15.48 -5.86
N PHE A 175 3.98 -15.93 -5.61
CA PHE A 175 5.15 -15.42 -6.32
C PHE A 175 5.17 -15.77 -7.80
N GLN A 176 4.82 -17.00 -8.13
CA GLN A 176 4.79 -17.47 -9.53
C GLN A 176 3.68 -16.77 -10.29
N ARG A 177 2.58 -16.48 -9.61
CA ARG A 177 1.46 -15.73 -10.20
C ARG A 177 1.91 -14.29 -10.49
N GLN A 178 2.61 -13.69 -9.53
CA GLN A 178 3.11 -12.32 -9.66
C GLN A 178 4.30 -12.18 -10.63
N ILE A 179 5.25 -13.11 -10.55
CA ILE A 179 6.42 -13.10 -11.45
C ILE A 179 5.93 -13.12 -12.89
N GLU A 180 4.97 -14.01 -13.16
CA GLU A 180 4.39 -14.18 -14.49
C GLU A 180 3.64 -12.94 -14.95
N ARG A 181 2.86 -12.36 -14.05
CA ARG A 181 2.09 -11.15 -14.33
C ARG A 181 2.98 -9.99 -14.76
N TRP A 182 4.03 -9.74 -13.98
CA TRP A 182 4.95 -8.65 -14.25
C TRP A 182 5.91 -8.96 -15.39
N THR A 183 6.16 -10.25 -15.65
CA THR A 183 6.99 -10.62 -16.79
C THR A 183 6.22 -10.23 -18.04
N LYS A 184 4.94 -10.59 -18.09
CA LYS A 184 4.09 -10.26 -19.24
C LYS A 184 3.90 -8.76 -19.39
N GLN A 185 3.84 -8.05 -18.25
CA GLN A 185 3.62 -6.61 -18.28
C GLN A 185 4.83 -5.85 -18.81
N TYR A 186 6.02 -6.24 -18.37
CA TYR A 186 7.25 -5.60 -18.88
C TYR A 186 7.38 -5.85 -20.38
N LYS A 187 7.19 -7.10 -20.80
CA LYS A 187 7.28 -7.48 -22.21
C LYS A 187 6.32 -6.63 -23.06
N LEU A 188 5.15 -6.27 -22.51
CA LEU A 188 4.19 -5.43 -23.22
C LEU A 188 4.64 -3.96 -23.28
N SER A 189 5.31 -3.50 -22.23
CA SER A 189 5.74 -2.09 -22.14
C SER A 189 7.26 -1.81 -22.38
N GLU A 190 8.05 -2.85 -22.63
CA GLU A 190 9.50 -2.72 -22.88
C GLU A 190 9.81 -1.62 -23.91
N THR A 191 10.50 -0.56 -23.50
CA THR A 191 10.89 0.53 -24.44
C THR A 191 12.38 0.48 -24.80
N GLU A 192 13.13 -0.41 -24.17
CA GLU A 192 14.56 -0.60 -24.46
C GLU A 192 15.10 -1.88 -23.83
N SER A 193 16.28 -2.30 -24.28
CA SER A 193 16.89 -3.53 -23.79
C SER A 193 17.54 -3.30 -22.42
N ILE A 194 17.04 -4.01 -21.41
CA ILE A 194 17.57 -3.91 -20.06
C ILE A 194 17.93 -5.32 -19.64
N PRO A 195 19.19 -5.74 -19.87
CA PRO A 195 19.70 -7.09 -19.57
C PRO A 195 19.44 -7.59 -18.15
N ALA A 196 19.52 -6.69 -17.17
CA ALA A 196 19.28 -7.06 -15.77
C ALA A 196 17.81 -7.43 -15.57
N ASP A 198 15.85 -8.75 -18.01
CA ASP A 198 15.77 -10.06 -18.67
C ASP A 198 16.31 -11.16 -17.78
N SER A 199 17.42 -10.92 -17.11
CA SER A 199 18.00 -11.91 -16.22
C SER A 199 17.07 -12.18 -15.04
N LEU A 200 16.38 -11.13 -14.58
CA LEU A 200 15.43 -11.25 -13.47
C LEU A 200 14.27 -12.13 -13.87
N ASP A 202 14.04 -14.37 -15.93
CA ASP A 202 14.44 -15.77 -16.09
C ASP A 202 14.91 -16.39 -14.76
N TRP A 203 15.51 -15.57 -13.91
CA TRP A 203 16.05 -16.03 -12.62
C TRP A 203 14.97 -16.32 -11.58
N LEU A 204 14.09 -15.34 -11.37
CA LEU A 204 13.03 -15.41 -10.35
C LEU A 204 12.17 -16.68 -10.38
N PRO A 205 11.59 -17.03 -11.55
CA PRO A 205 10.71 -18.20 -11.65
C PRO A 205 11.36 -19.50 -11.23
N GLN A 206 12.68 -19.58 -11.38
CA GLN A 206 13.44 -20.78 -11.06
C GLN A 206 13.96 -20.76 -9.62
N HIS A 207 13.59 -19.73 -8.84
CA HIS A 207 14.12 -19.56 -7.46
C HIS A 207 13.13 -19.23 -6.36
N ILE A 208 11.85 -19.46 -6.62
CA ILE A 208 10.80 -19.18 -5.66
C ILE A 208 11.01 -20.08 -4.44
N PRO A 209 11.20 -19.49 -3.25
CA PRO A 209 11.44 -20.34 -2.08
C PRO A 209 10.35 -21.38 -1.93
N GLN A 210 10.73 -22.59 -1.50
CA GLN A 210 9.78 -23.68 -1.29
C GLN A 210 9.28 -23.65 0.17
N GLU A 211 10.06 -23.04 1.06
CA GLU A 211 9.69 -22.94 2.47
C GLU A 211 8.69 -21.78 2.72
N ASP A 212 7.48 -22.14 3.19
CA ASP A 212 6.35 -21.22 3.43
C ASP A 212 5.78 -20.65 2.13
N ALA A 213 5.74 -21.46 1.08
CA ALA A 213 5.26 -21.00 -0.23
C ALA A 213 3.76 -20.79 -0.27
N ASP A 214 3.05 -21.48 0.62
CA ASP A 214 1.58 -21.34 0.65
CA ASP A 214 1.59 -21.43 0.73
C ASP A 214 1.07 -20.31 1.65
N LEU A 215 1.89 -19.95 2.65
CA LEU A 215 1.54 -18.90 3.65
C LEU A 215 0.83 -17.71 3.00
N THR A 216 -0.38 -17.39 3.47
CA THR A 216 -1.13 -16.26 2.93
C THR A 216 -1.78 -15.44 4.05
N SER A 217 -1.94 -14.16 3.75
CA SER A 217 -2.52 -13.22 4.68
C SER A 217 -3.08 -12.06 3.85
N ILE A 218 -3.67 -11.08 4.54
CA ILE A 218 -4.14 -9.88 3.85
C ILE A 218 -2.86 -9.13 3.51
N VAL A 219 -2.77 -8.59 2.30
CA VAL A 219 -1.60 -7.83 1.90
C VAL A 219 -2.06 -6.46 1.44
N HIS A 220 -1.56 -5.42 2.11
CA HIS A 220 -1.92 -4.07 1.80
C HIS A 220 -1.65 -3.73 0.33
N GLY A 221 -0.47 -4.09 -0.19
CA GLY A 221 -0.09 -3.88 -1.60
C GLY A 221 0.98 -2.79 -1.79
N ASP A 222 0.76 -1.68 -1.11
CA ASP A 222 1.64 -0.54 -1.17
C ASP A 222 1.87 0.00 0.23
N TYR A 223 2.36 -0.85 1.14
CA TYR A 223 2.55 -0.46 2.54
C TYR A 223 3.81 0.35 2.74
N ARG A 224 3.63 1.62 3.11
CA ARG A 224 4.72 2.55 3.34
CA ARG A 224 4.73 2.55 3.34
C ARG A 224 4.27 3.71 4.23
N LEU A 225 5.23 4.46 4.76
CA LEU A 225 4.98 5.60 5.66
C LEU A 225 3.90 6.58 5.21
N ASP A 226 3.88 6.95 3.93
CA ASP A 226 2.91 7.95 3.46
C ASP A 226 1.48 7.42 3.23
N ASN A 227 1.28 6.11 3.40
CA ASN A 227 -0.03 5.50 3.35
C ASN A 227 -0.53 5.26 4.80
N LEU A 228 0.09 5.94 5.77
CA LEU A 228 -0.30 5.87 7.18
CA LEU A 228 -0.33 5.87 7.18
C LEU A 228 -0.71 7.27 7.67
N PHE A 230 -1.02 9.25 11.00
CA PHE A 230 -0.62 9.22 12.40
C PHE A 230 -1.44 10.19 13.25
N HIS A 231 -1.53 9.89 14.55
CA HIS A 231 -2.18 10.76 15.53
C HIS A 231 -1.43 12.10 15.47
N PRO A 232 -2.13 13.24 15.55
CA PRO A 232 -1.42 14.53 15.35
C PRO A 232 -0.18 14.80 16.23
N THR A 233 -0.09 14.18 17.39
CA THR A 233 1.05 14.39 18.28
C THR A 233 1.71 13.12 18.81
N GLU A 234 1.01 11.99 18.76
CA GLU A 234 1.54 10.72 19.25
C GLU A 234 1.99 9.82 18.12
N PRO A 235 2.95 8.94 18.41
CA PRO A 235 3.43 8.03 17.39
C PRO A 235 2.55 6.78 17.39
N ARG A 236 1.33 6.94 16.90
CA ARG A 236 0.39 5.83 16.76
C ARG A 236 -0.50 6.10 15.57
N VAL A 237 -0.65 5.09 14.73
CA VAL A 237 -1.41 5.21 13.50
C VAL A 237 -2.90 5.13 13.78
N LEU A 238 -3.62 6.17 13.37
CA LEU A 238 -5.06 6.19 13.49
C LEU A 238 -5.69 5.46 12.29
N ALA A 239 -5.04 5.47 11.12
CA ALA A 239 -5.66 4.82 9.95
C ALA A 239 -4.70 4.44 8.83
N VAL A 240 -4.78 3.19 8.36
CA VAL A 240 -3.98 2.77 7.21
C VAL A 240 -4.81 3.20 5.98
N LEU A 241 -4.16 3.85 5.03
CA LEU A 241 -4.82 4.44 3.87
C LEU A 241 -4.54 3.68 2.58
N ASP A 242 -5.17 4.16 1.50
CA ASP A 242 -5.02 3.63 0.15
C ASP A 242 -4.92 2.11 0.06
N TRP A 243 -6.07 1.45 0.22
CA TRP A 243 -6.18 -0.02 0.18
C TRP A 243 -6.60 -0.57 -1.18
N GLU A 244 -6.64 0.28 -2.21
CA GLU A 244 -7.10 -0.15 -3.55
C GLU A 244 -6.32 -1.25 -4.25
N LEU A 245 -5.07 -1.49 -3.84
CA LEU A 245 -4.27 -2.58 -4.40
C LEU A 245 -4.32 -3.84 -3.56
N SER A 246 -4.89 -3.77 -2.35
CA SER A 246 -4.90 -4.91 -1.42
C SER A 246 -5.66 -6.14 -1.92
N THR A 247 -5.29 -7.28 -1.37
CA THR A 247 -5.85 -8.56 -1.72
C THR A 247 -5.32 -9.57 -0.72
N LEU A 248 -5.49 -10.84 -1.02
CA LEU A 248 -4.90 -11.92 -0.23
C LEU A 248 -3.64 -12.36 -0.97
N GLY A 249 -2.54 -12.51 -0.25
CA GLY A 249 -1.28 -12.90 -0.87
C GLY A 249 -0.25 -13.29 0.16
N HIS A 250 1.00 -13.45 -0.29
CA HIS A 250 2.11 -13.82 0.61
C HIS A 250 2.59 -12.57 1.35
N PRO A 251 2.80 -12.67 2.67
CA PRO A 251 3.26 -11.51 3.42
C PRO A 251 4.55 -10.84 2.89
N GLY A 253 5.71 -10.44 0.07
CA GLY A 253 5.50 -9.60 -1.12
C GLY A 253 5.20 -8.17 -0.67
N ASP A 254 4.53 -8.08 0.48
CA ASP A 254 4.10 -6.85 1.11
C ASP A 254 5.22 -6.29 2.02
N PHE A 255 5.82 -7.16 2.84
CA PHE A 255 6.88 -6.77 3.78
C PHE A 255 8.19 -6.49 3.05
N GLY A 256 8.45 -7.25 1.99
CA GLY A 256 9.61 -7.03 1.17
C GLY A 256 9.55 -5.67 0.50
N TYR A 257 8.39 -5.29 -0.02
CA TYR A 257 8.23 -3.98 -0.66
C TYR A 257 8.41 -2.89 0.38
N HIS A 258 7.94 -3.17 1.58
CA HIS A 258 8.02 -2.22 2.66
C HIS A 258 9.47 -1.98 3.09
N CYS A 259 10.30 -3.01 3.00
CA CYS A 259 11.71 -2.89 3.39
C CYS A 259 12.63 -2.27 2.34
N SER A 261 12.96 0.61 1.41
CA SER A 261 13.49 1.82 2.05
C SER A 261 14.95 1.67 2.51
N TRP A 262 15.34 0.50 3.01
CA TRP A 262 16.71 0.30 3.49
C TRP A 262 17.73 0.01 2.38
N HIS A 263 17.23 -0.13 1.15
CA HIS A 263 18.04 -0.48 -0.01
C HIS A 263 18.03 0.58 -1.11
N ILE A 264 17.22 1.62 -0.95
CA ILE A 264 17.16 2.72 -1.90
C ILE A 264 17.72 3.95 -1.20
N ALA A 265 18.46 4.77 -1.94
CA ALA A 265 19.10 5.96 -1.39
C ALA A 265 18.19 7.19 -1.49
N PRO A 266 18.47 8.22 -0.68
CA PRO A 266 17.71 9.48 -0.69
C PRO A 266 17.71 10.26 -2.02
N GLY A 267 16.66 11.07 -2.23
CA GLY A 267 16.53 11.97 -3.41
C GLY A 267 15.84 11.38 -4.63
N GLN A 268 14.50 11.48 -4.67
CA GLN A 268 13.63 10.84 -5.71
C GLN A 268 13.60 9.38 -5.26
N PHE A 269 12.45 8.95 -4.77
CA PHE A 269 12.31 7.69 -4.06
C PHE A 269 13.07 8.08 -2.81
N ARG A 270 12.30 8.39 -1.79
CA ARG A 270 12.81 8.92 -0.56
C ARG A 270 13.28 7.79 0.37
N GLY A 271 14.34 7.11 -0.06
CA GLY A 271 14.91 5.96 0.68
C GLY A 271 15.85 6.39 1.77
N ILE A 272 16.30 5.45 2.60
CA ILE A 272 17.20 5.71 3.72
C ILE A 272 18.50 4.88 3.68
N ALA A 273 18.87 4.40 2.50
CA ALA A 273 20.11 3.61 2.34
C ALA A 273 21.37 4.47 2.58
N GLY A 274 22.22 4.05 3.53
CA GLY A 274 23.48 4.76 3.80
C GLY A 274 23.44 5.94 4.74
N LEU A 275 22.25 6.30 5.23
CA LEU A 275 22.13 7.36 6.21
C LEU A 275 22.64 6.68 7.50
N ASP A 276 23.01 7.47 8.52
CA ASP A 276 23.52 6.94 9.79
C ASP A 276 22.32 6.62 10.66
N HIS A 277 21.78 5.42 10.49
CA HIS A 277 20.57 5.02 11.21
C HIS A 277 20.70 5.01 12.72
N ALA A 278 21.86 4.60 13.24
CA ALA A 278 22.03 4.52 14.70
C ALA A 278 21.99 5.90 15.35
N ALA A 279 22.46 6.91 14.61
CA ALA A 279 22.47 8.27 15.09
C ALA A 279 21.06 8.86 15.04
N LEU A 280 20.41 8.70 13.87
CA LEU A 280 19.05 9.17 13.64
C LEU A 280 17.98 8.47 14.51
N GLY A 281 18.27 7.28 15.03
CA GLY A 281 17.31 6.53 15.84
C GLY A 281 16.39 5.64 15.00
N ILE A 282 16.75 5.44 13.74
CA ILE A 282 16.03 4.58 12.81
C ILE A 282 16.63 3.18 12.96
N PRO A 283 15.80 2.14 13.12
CA PRO A 283 16.38 0.81 13.32
C PRO A 283 17.03 0.24 12.08
N ASP A 284 17.97 -0.69 12.29
CA ASP A 284 18.62 -1.38 11.18
C ASP A 284 17.65 -2.45 10.68
N GLU A 285 17.74 -2.79 9.38
CA GLU A 285 16.82 -3.75 8.80
C GLU A 285 16.83 -5.09 9.50
N ALA A 286 17.99 -5.54 9.95
CA ALA A 286 18.08 -6.82 10.70
C ALA A 286 17.14 -6.81 11.90
N SER A 287 17.20 -5.73 12.68
CA SER A 287 16.37 -5.56 13.88
C SER A 287 14.88 -5.42 13.56
N TYR A 288 14.57 -4.68 12.49
CA TYR A 288 13.19 -4.46 12.05
C TYR A 288 12.53 -5.79 11.69
N ARG A 289 13.22 -6.63 10.90
CA ARG A 289 12.68 -7.95 10.52
C ARG A 289 12.52 -8.83 11.74
N LYS A 290 13.51 -8.79 12.63
CA LYS A 290 13.46 -9.59 13.84
C LYS A 290 12.21 -9.23 14.68
N LEU A 291 11.92 -7.94 14.78
CA LEU A 291 10.74 -7.46 15.54
C LEU A 291 9.46 -7.96 14.89
N TYR A 292 9.39 -7.87 13.57
CA TYR A 292 8.24 -8.37 12.81
C TYR A 292 8.05 -9.87 13.06
N GLU A 293 9.14 -10.62 13.09
CA GLU A 293 9.09 -12.07 13.34
C GLU A 293 8.48 -12.38 14.69
N GLN A 294 8.83 -11.61 15.70
CA GLN A 294 8.34 -11.82 17.07
C GLN A 294 6.86 -11.46 17.21
N ARG A 295 6.43 -10.41 16.51
CA ARG A 295 5.03 -9.98 16.54
C ARG A 295 4.15 -11.02 15.85
N THR A 296 4.57 -11.44 14.66
CA THR A 296 3.82 -12.42 13.88
C THR A 296 3.98 -13.87 14.39
N GLY A 297 4.91 -14.10 15.30
CA GLY A 297 5.10 -15.42 15.90
C GLY A 297 5.83 -16.46 15.07
N ARG A 298 6.07 -16.16 13.79
CA ARG A 298 6.76 -17.09 12.90
C ARG A 298 7.99 -16.39 12.31
N PRO A 299 9.10 -17.14 12.15
CA PRO A 299 10.32 -16.58 11.60
C PRO A 299 10.28 -16.50 10.09
N ILE A 300 10.96 -15.51 9.50
CA ILE A 300 10.99 -15.40 8.06
C ILE A 300 11.91 -16.47 7.50
N THR A 301 11.30 -17.51 6.95
CA THR A 301 12.05 -18.59 6.29
C THR A 301 12.03 -18.23 4.79
N GLY A 302 13.08 -18.61 4.08
CA GLY A 302 13.19 -18.29 2.66
C GLY A 302 14.23 -17.20 2.49
N ASP A 303 14.92 -17.22 1.35
CA ASP A 303 16.02 -16.28 1.11
C ASP A 303 15.55 -14.83 1.02
N TRP A 304 15.96 -14.06 2.02
CA TRP A 304 15.63 -12.65 2.11
C TRP A 304 16.00 -11.91 0.83
N ASN A 305 17.12 -12.27 0.20
CA ASN A 305 17.55 -11.63 -1.04
C ASN A 305 16.62 -11.93 -2.21
N PHE A 306 15.93 -13.06 -2.16
CA PHE A 306 14.91 -13.38 -3.18
C PHE A 306 13.73 -12.45 -2.99
N TYR A 307 13.26 -12.34 -1.75
CA TYR A 307 12.13 -11.46 -1.46
C TYR A 307 12.44 -10.04 -1.91
N LEU A 308 13.65 -9.56 -1.60
CA LEU A 308 14.09 -8.22 -2.05
C LEU A 308 14.17 -8.15 -3.58
N ALA A 309 14.79 -9.17 -4.17
CA ALA A 309 14.98 -9.24 -5.63
C ALA A 309 13.63 -9.21 -6.33
N PHE A 310 12.64 -9.96 -5.79
CA PHE A 310 11.28 -9.97 -6.33
C PHE A 310 10.65 -8.57 -6.27
N SER A 311 10.71 -7.99 -5.07
CA SER A 311 10.17 -6.65 -4.86
C SER A 311 10.75 -5.61 -5.82
N PHE A 313 12.10 -6.25 -8.76
CA PHE A 313 11.59 -6.65 -10.06
C PHE A 313 10.20 -6.06 -10.32
N ARG A 314 9.29 -6.28 -9.36
CA ARG A 314 7.92 -5.78 -9.41
C ARG A 314 7.91 -4.27 -9.61
N ILE A 315 8.64 -3.55 -8.76
CA ILE A 315 8.74 -2.09 -8.85
C ILE A 315 9.27 -1.62 -10.21
N ALA A 316 10.21 -2.38 -10.77
CA ALA A 316 10.78 -2.06 -12.06
C ALA A 316 9.71 -2.20 -13.14
N GLY A 317 8.92 -3.27 -13.03
CA GLY A 317 7.81 -3.54 -13.94
C GLY A 317 6.79 -2.40 -13.97
N ILE A 318 6.33 -2.01 -12.78
CA ILE A 318 5.37 -0.90 -12.64
C ILE A 318 5.93 0.40 -13.26
N LEU A 319 7.18 0.71 -12.95
CA LEU A 319 7.85 1.90 -13.48
C LEU A 319 8.07 1.86 -14.99
N GLN A 320 8.20 0.66 -15.56
CA GLN A 320 8.35 0.52 -17.01
C GLN A 320 7.00 0.79 -17.66
N GLY A 321 5.91 0.50 -16.93
CA GLY A 321 4.58 0.80 -17.42
C GLY A 321 4.47 2.29 -17.70
N ILE A 322 4.95 3.09 -16.76
CA ILE A 322 4.94 4.55 -16.88
C ILE A 322 5.81 5.02 -18.05
N LYS A 324 6.68 3.41 -20.83
CA LYS A 324 5.98 3.06 -22.07
C LYS A 324 4.93 4.10 -22.42
N ARG A 325 4.20 4.60 -21.41
CA ARG A 325 3.18 5.62 -21.66
C ARG A 325 3.82 6.97 -21.96
N VAL A 326 4.98 7.23 -21.36
CA VAL A 326 5.69 8.49 -21.58
C VAL A 326 6.36 8.47 -22.95
N VAL A 327 6.93 7.33 -23.34
CA VAL A 327 7.62 7.22 -24.63
C VAL A 327 6.67 7.45 -25.81
N ASP A 328 5.38 7.09 -25.65
CA ASP A 328 4.38 7.35 -26.71
C ASP A 328 3.28 8.35 -26.29
N GLY A 329 3.64 9.25 -25.37
CA GLY A 329 2.82 10.38 -24.94
C GLY A 329 1.44 10.29 -24.30
N THR A 330 1.19 9.26 -23.48
CA THR A 330 -0.11 9.15 -22.77
C THR A 330 -0.02 10.00 -21.50
N ALA A 331 1.16 10.02 -20.89
CA ALA A 331 1.44 10.85 -19.71
C ALA A 331 2.78 11.54 -19.94
N SER A 332 2.75 12.82 -20.28
CA SER A 332 3.97 13.63 -20.55
C SER A 332 4.53 14.30 -19.30
N SER A 333 3.73 14.34 -18.23
CA SER A 333 4.10 14.94 -16.94
C SER A 333 5.58 14.85 -16.57
N ALA A 334 6.10 15.93 -15.95
CA ALA A 334 7.48 15.96 -15.45
C ALA A 334 7.64 14.87 -14.39
N GLN A 335 6.64 14.77 -13.51
CA GLN A 335 6.60 13.72 -12.48
C GLN A 335 6.60 12.33 -13.13
N ALA A 336 5.90 12.20 -14.25
CA ALA A 336 5.77 10.93 -14.97
C ALA A 336 7.06 10.43 -15.61
N LEU A 337 7.75 11.28 -16.37
CA LEU A 337 9.01 10.82 -17.00
C LEU A 337 10.15 10.71 -15.97
N ASP A 338 9.97 11.29 -14.79
CA ASP A 338 10.94 11.15 -13.71
C ASP A 338 10.86 9.69 -13.24
N ALA A 339 9.64 9.24 -12.97
CA ALA A 339 9.37 7.86 -12.51
C ALA A 339 9.68 6.79 -13.56
N GLY A 340 9.56 7.17 -14.83
CA GLY A 340 9.85 6.26 -15.94
C GLY A 340 11.34 5.98 -16.11
N LYS A 341 12.16 7.02 -15.92
CA LYS A 341 13.63 6.89 -16.03
C LYS A 341 14.23 6.01 -14.93
N ARG A 342 13.45 5.78 -13.87
CA ARG A 342 13.87 4.95 -12.73
C ARG A 342 13.64 3.44 -12.91
N ALA A 343 13.10 3.04 -14.06
CA ALA A 343 12.85 1.63 -14.33
C ALA A 343 14.16 0.85 -14.40
N ARG A 344 15.07 1.28 -15.27
CA ARG A 344 16.36 0.59 -15.45
C ARG A 344 17.15 0.36 -14.15
N PRO A 345 17.49 1.44 -13.42
CA PRO A 345 18.21 1.27 -12.16
C PRO A 345 17.54 0.32 -11.15
N ALA A 347 15.59 -2.23 -12.02
CA ALA A 347 15.84 -3.53 -12.64
C ALA A 347 17.29 -3.96 -12.40
N GLU A 348 18.22 -3.01 -12.51
CA GLU A 348 19.63 -3.30 -12.33
C GLU A 348 19.96 -3.64 -10.90
N GLY A 350 17.81 -4.86 -8.76
CA GLY A 350 17.13 -6.14 -8.50
C GLY A 350 18.04 -7.30 -8.88
N TRP A 351 18.61 -7.22 -10.06
CA TRP A 351 19.53 -8.24 -10.53
C TRP A 351 20.74 -8.42 -9.61
N GLU A 352 21.25 -7.33 -9.05
CA GLU A 352 22.39 -7.44 -8.15
C GLU A 352 22.04 -8.21 -6.88
N TYR A 353 20.86 -7.95 -6.32
CA TYR A 353 20.42 -8.66 -5.10
C TYR A 353 20.14 -10.14 -5.44
N ALA A 354 19.61 -10.37 -6.64
CA ALA A 354 19.36 -11.73 -7.11
C ALA A 354 20.65 -12.57 -7.07
N LYS A 355 21.75 -11.97 -7.53
CA LYS A 355 23.03 -12.66 -7.59
C LYS A 355 23.67 -12.93 -6.22
N LYS A 356 23.19 -12.26 -5.18
CA LYS A 356 23.69 -12.48 -3.81
C LYS A 356 22.90 -13.58 -3.12
N ALA A 357 21.77 -13.95 -3.73
CA ALA A 357 20.88 -14.98 -3.20
C ALA A 357 21.46 -16.37 -3.38
N LYS A 358 20.84 -17.38 -2.79
CA LYS A 358 21.26 -18.78 -2.99
C LYS A 358 21.15 -19.04 -4.51
N GLN A 359 22.34 -19.22 -5.13
CA GLN A 359 22.58 -19.29 -6.59
C GLN A 359 22.01 -18.11 -7.43
#